data_4D7S
#
_entry.id   4D7S
#
_cell.length_a   87.202
_cell.length_b   87.202
_cell.length_c   142.337
_cell.angle_alpha   90.00
_cell.angle_beta   90.00
_cell.angle_gamma   90.00
#
_symmetry.space_group_name_H-M   'I 4'
#
loop_
_entity.id
_entity.type
_entity.pdbx_description
1 polymer STHK_CNBD_CGMP
2 non-polymer 'CYCLIC GUANOSINE MONOPHOSPHATE'
3 water water
#
_entity_poly.entity_id   1
_entity_poly.type   'polypeptide(L)'
_entity_poly.pdbx_seq_one_letter_code
;DAAKLLHRERMERVTAFLSYKKISPELQRRILEYFDYLWETRRGYEEREVLKELPHPLRLAVAMEIHGDVIEKVPLFKGA
GEDFIRDIILHLEPVIYGPGEYIIRAGELGSDVYFINRGSVEVLSADEKTRYAILSEGQFFGEMALILRAPRTATVRART
FCDLYRLDKETFDRILSRYPEIAAQIQELAVRRKEELE
;
_entity_poly.pdbx_strand_id   A,B
#
# COMPACT_ATOMS: atom_id res chain seq x y z
N ASP A 1 10.27 -45.65 17.45
CA ASP A 1 9.93 -45.24 16.09
C ASP A 1 10.85 -44.05 15.64
N ALA A 2 10.77 -43.69 14.36
CA ALA A 2 11.83 -43.02 13.61
C ALA A 2 12.51 -41.75 14.10
N ALA A 3 11.77 -40.65 14.12
CA ALA A 3 12.32 -39.39 14.64
C ALA A 3 11.60 -38.91 15.88
N LYS A 4 10.71 -39.79 16.38
CA LYS A 4 10.67 -40.09 17.81
C LYS A 4 12.15 -40.16 18.12
N LEU A 5 12.83 -41.02 17.35
CA LEU A 5 14.19 -41.49 17.64
C LEU A 5 15.32 -40.70 16.96
N LEU A 6 15.02 -39.72 16.10
CA LEU A 6 16.12 -38.95 15.51
C LEU A 6 16.21 -37.59 16.15
N HIS A 7 15.06 -37.10 16.58
CA HIS A 7 15.04 -35.84 17.27
C HIS A 7 15.66 -36.05 18.66
N ARG A 8 15.64 -37.26 19.23
CA ARG A 8 16.33 -37.44 20.53
C ARG A 8 17.84 -37.40 20.33
N GLU A 9 18.32 -37.39 19.09
CA GLU A 9 19.75 -37.59 18.90
C GLU A 9 20.51 -36.34 18.46
N ARG A 10 19.75 -35.31 18.11
CA ARG A 10 20.31 -34.09 17.55
C ARG A 10 20.60 -33.22 18.76
N MET A 11 19.77 -33.35 19.80
CA MET A 11 20.11 -32.80 21.10
C MET A 11 21.29 -33.46 21.76
N GLU A 12 21.60 -34.69 21.38
CA GLU A 12 22.78 -35.33 21.96
C GLU A 12 24.06 -34.67 21.47
N ARG A 13 24.06 -34.26 20.21
CA ARG A 13 25.21 -33.59 19.62
C ARG A 13 25.31 -32.12 20.03
N VAL A 14 24.16 -31.47 20.13
CA VAL A 14 24.11 -30.03 20.43
C VAL A 14 24.54 -29.79 21.87
N THR A 15 24.08 -30.65 22.78
CA THR A 15 24.45 -30.54 24.19
C THR A 15 25.95 -30.74 24.35
N ALA A 16 26.49 -31.70 23.58
CA ALA A 16 27.93 -31.99 23.63
C ALA A 16 28.71 -30.77 23.18
N PHE A 17 28.14 -30.09 22.19
CA PHE A 17 28.75 -28.91 21.61
C PHE A 17 28.73 -27.77 22.65
N LEU A 18 27.66 -27.73 23.43
CA LEU A 18 27.50 -26.69 24.46
C LEU A 18 28.47 -26.84 25.61
N SER A 19 28.84 -28.07 25.92
CA SER A 19 29.78 -28.36 27.00
C SER A 19 31.22 -28.07 26.58
N TYR A 20 31.56 -28.47 25.35
CA TYR A 20 32.92 -28.27 24.86
C TYR A 20 33.36 -26.78 24.78
N LYS A 21 32.50 -25.85 24.38
CA LYS A 21 32.88 -24.43 24.48
C LYS A 21 32.34 -23.81 25.76
N LYS A 22 31.85 -24.66 26.66
CA LYS A 22 31.44 -24.24 28.01
C LYS A 22 30.49 -23.04 27.97
N ILE A 23 29.30 -23.28 27.44
CA ILE A 23 28.25 -22.27 27.36
C ILE A 23 27.62 -22.08 28.73
N SER A 24 27.35 -20.82 29.07
CA SER A 24 26.82 -20.45 30.37
C SER A 24 25.59 -21.28 30.73
N PRO A 25 25.48 -21.68 32.01
CA PRO A 25 24.37 -22.46 32.54
C PRO A 25 23.02 -21.88 32.14
N GLU A 26 22.90 -20.56 32.18
CA GLU A 26 21.65 -19.90 31.81
C GLU A 26 21.31 -20.11 30.33
N LEU A 27 22.31 -19.97 29.45
CA LEU A 27 22.07 -20.18 28.03
C LEU A 27 21.82 -21.66 27.72
N GLN A 28 22.56 -22.55 28.38
CA GLN A 28 22.36 -23.99 28.19
C GLN A 28 20.94 -24.41 28.56
N ARG A 29 20.42 -23.83 29.64
CA ARG A 29 19.07 -24.18 30.08
C ARG A 29 18.04 -23.67 29.10
N ARG A 30 18.25 -22.46 28.59
CA ARG A 30 17.40 -21.88 27.56
C ARG A 30 17.30 -22.78 26.34
N ILE A 31 18.44 -23.31 25.92
CA ILE A 31 18.50 -24.16 24.73
C ILE A 31 17.80 -25.49 24.96
N LEU A 32 18.05 -26.11 26.11
CA LEU A 32 17.37 -27.36 26.47
C LEU A 32 15.88 -27.13 26.64
N GLU A 33 15.51 -26.00 27.22
CA GLU A 33 14.12 -25.64 27.42
C GLU A 33 13.42 -25.40 26.09
N TYR A 34 14.17 -24.88 25.13
CA TYR A 34 13.64 -24.65 23.78
C TYR A 34 13.34 -25.95 23.08
N PHE A 35 14.28 -26.89 23.17
CA PHE A 35 14.13 -28.17 22.48
C PHE A 35 13.07 -29.06 23.13
N ASP A 36 12.87 -28.91 24.43
CA ASP A 36 11.78 -29.61 25.11
C ASP A 36 10.45 -29.08 24.59
N TYR A 37 10.41 -27.77 24.38
CA TYR A 37 9.22 -27.12 23.84
C TYR A 37 9.02 -27.53 22.39
N LEU A 38 10.13 -27.68 21.67
CA LEU A 38 10.08 -28.06 20.26
C LEU A 38 9.54 -29.48 20.12
N TRP A 39 10.04 -30.38 20.96
CA TRP A 39 9.64 -31.79 20.93
C TRP A 39 8.19 -32.02 21.37
N GLU A 40 7.62 -31.12 22.13
CA GLU A 40 6.24 -31.35 22.58
C GLU A 40 5.21 -30.57 21.76
N THR A 41 5.63 -29.46 21.18
CA THR A 41 4.77 -28.66 20.30
C THR A 41 4.67 -29.20 18.89
N ARG A 42 5.83 -29.49 18.29
CA ARG A 42 5.88 -30.00 16.93
C ARG A 42 6.35 -31.44 16.84
N ARG A 43 6.73 -32.00 18.00
CA ARG A 43 7.37 -33.30 18.06
C ARG A 43 8.69 -33.21 17.31
N GLY A 44 9.22 -31.99 17.24
CA GLY A 44 10.50 -31.70 16.62
C GLY A 44 10.67 -32.33 15.26
N TYR A 45 9.56 -32.42 14.51
CA TYR A 45 9.54 -33.07 13.21
C TYR A 45 9.66 -32.07 12.10
N GLU A 46 10.46 -32.43 11.09
CA GLU A 46 10.78 -31.47 10.05
C GLU A 46 9.60 -31.38 9.12
N GLU A 47 8.73 -30.43 9.43
CA GLU A 47 7.52 -30.23 8.66
C GLU A 47 8.00 -29.49 7.44
N ARG A 48 9.17 -28.89 7.61
CA ARG A 48 9.99 -28.42 6.50
C ARG A 48 10.20 -29.53 5.48
N GLU A 49 10.83 -30.62 5.90
CA GLU A 49 11.31 -31.62 4.94
C GLU A 49 10.39 -32.81 4.66
N VAL A 50 9.22 -32.90 5.29
CA VAL A 50 8.25 -33.90 4.82
C VAL A 50 7.28 -33.24 3.84
N LEU A 51 7.00 -31.94 4.00
CA LEU A 51 6.18 -31.26 3.00
C LEU A 51 6.96 -31.18 1.70
N LYS A 52 8.28 -31.24 1.79
CA LYS A 52 9.12 -31.13 0.60
C LYS A 52 8.83 -32.28 -0.36
N GLU A 53 8.45 -33.44 0.21
CA GLU A 53 8.01 -34.60 -0.59
C GLU A 53 6.84 -34.30 -1.53
N LEU A 54 5.88 -33.53 -1.04
CA LEU A 54 4.59 -33.37 -1.70
C LEU A 54 4.63 -32.36 -2.86
N PRO A 55 3.77 -32.55 -3.88
CA PRO A 55 3.52 -31.56 -4.94
C PRO A 55 2.75 -30.35 -4.41
N HIS A 56 2.79 -29.23 -5.13
CA HIS A 56 2.25 -27.97 -4.65
C HIS A 56 0.86 -28.13 -4.00
N PRO A 57 -0.11 -28.73 -4.74
CA PRO A 57 -1.49 -28.77 -4.25
C PRO A 57 -1.64 -29.53 -2.95
N LEU A 58 -0.81 -30.54 -2.75
CA LEU A 58 -0.90 -31.34 -1.54
C LEU A 58 -0.19 -30.65 -0.39
N ARG A 59 0.85 -29.88 -0.69
CA ARG A 59 1.51 -29.11 0.36
C ARG A 59 0.63 -27.96 0.80
N LEU A 60 -0.01 -27.33 -0.19
CA LEU A 60 -1.00 -26.29 0.06
C LEU A 60 -2.10 -26.79 0.99
N ALA A 61 -2.62 -27.98 0.69
CA ALA A 61 -3.70 -28.58 1.46
C ALA A 61 -3.25 -28.91 2.89
N VAL A 62 -2.10 -29.54 3.02
CA VAL A 62 -1.57 -29.90 4.33
C VAL A 62 -1.27 -28.66 5.17
N ALA A 63 -0.65 -27.66 4.56
CA ALA A 63 -0.33 -26.41 5.25
C ALA A 63 -1.59 -25.73 5.78
N MET A 64 -2.66 -25.75 5.00
CA MET A 64 -3.90 -25.11 5.40
C MET A 64 -4.63 -25.89 6.49
N GLU A 65 -4.26 -27.15 6.68
CA GLU A 65 -4.85 -27.96 7.74
C GLU A 65 -4.08 -27.80 9.05
N ILE A 66 -2.76 -27.98 8.99
CA ILE A 66 -1.93 -27.91 10.19
C ILE A 66 -1.79 -26.49 10.72
N HIS A 67 -1.95 -25.50 9.85
CA HIS A 67 -1.79 -24.10 10.24
C HIS A 67 -3.11 -23.33 10.12
N GLY A 68 -4.21 -24.01 10.38
CA GLY A 68 -5.53 -23.40 10.30
C GLY A 68 -5.87 -22.42 11.40
N ASP A 69 -5.22 -22.58 12.55
CA ASP A 69 -5.51 -21.75 13.72
C ASP A 69 -5.31 -20.26 13.47
N VAL A 70 -4.18 -19.90 12.87
CA VAL A 70 -3.82 -18.49 12.73
C VAL A 70 -4.73 -17.73 11.78
N ILE A 71 -5.21 -18.39 10.74
CA ILE A 71 -6.18 -17.79 9.83
C ILE A 71 -7.41 -17.48 10.64
N GLU A 72 -7.77 -18.43 11.50
CA GLU A 72 -8.95 -18.32 12.35
C GLU A 72 -8.84 -17.23 13.41
N LYS A 73 -7.77 -17.24 14.18
CA LYS A 73 -7.65 -16.36 15.34
C LYS A 73 -7.51 -14.90 14.96
N VAL A 74 -6.98 -14.65 13.76
CA VAL A 74 -6.75 -13.28 13.29
C VAL A 74 -7.92 -12.78 12.46
N PRO A 75 -8.67 -11.81 13.02
CA PRO A 75 -9.88 -11.28 12.39
C PRO A 75 -9.63 -10.82 10.95
N LEU A 76 -8.43 -10.29 10.71
CA LEU A 76 -8.08 -9.82 9.39
C LEU A 76 -7.89 -10.99 8.42
N PHE A 77 -7.48 -12.15 8.93
CA PHE A 77 -7.29 -13.30 8.07
C PHE A 77 -8.62 -13.98 7.65
N LYS A 78 -9.67 -13.84 8.46
CA LYS A 78 -10.96 -14.41 8.08
C LYS A 78 -11.82 -13.37 7.40
N GLY A 79 -12.60 -13.81 6.43
CA GLY A 79 -13.42 -12.93 5.61
C GLY A 79 -12.55 -12.33 4.53
N ALA A 80 -11.27 -12.65 4.57
CA ALA A 80 -10.31 -12.22 3.56
C ALA A 80 -10.56 -13.00 2.29
N GLY A 81 -11.06 -14.22 2.48
CA GLY A 81 -11.37 -15.09 1.36
C GLY A 81 -10.35 -16.17 1.13
N GLU A 82 -10.76 -17.18 0.36
CA GLU A 82 -9.92 -18.33 0.03
C GLU A 82 -8.70 -17.91 -0.77
N ASP A 83 -8.90 -16.98 -1.70
CA ASP A 83 -7.83 -16.38 -2.50
C ASP A 83 -6.62 -15.99 -1.67
N PHE A 84 -6.88 -15.16 -0.67
CA PHE A 84 -5.85 -14.58 0.20
C PHE A 84 -5.13 -15.65 1.02
N ILE A 85 -5.92 -16.53 1.61
CA ILE A 85 -5.39 -17.60 2.47
C ILE A 85 -4.45 -18.53 1.69
N ARG A 86 -4.87 -18.93 0.49
CA ARG A 86 -4.03 -19.77 -0.37
C ARG A 86 -2.74 -19.06 -0.76
N ASP A 87 -2.83 -17.75 -0.95
CA ASP A 87 -1.70 -16.96 -1.42
C ASP A 87 -0.63 -16.75 -0.35
N ILE A 88 -1.03 -16.77 0.92
CA ILE A 88 -0.13 -16.43 2.00
C ILE A 88 0.31 -17.64 2.84
N ILE A 89 -0.52 -18.69 2.87
CA ILE A 89 -0.33 -19.81 3.80
C ILE A 89 1.05 -20.46 3.72
N LEU A 90 1.61 -20.60 2.52
CA LEU A 90 2.91 -21.23 2.39
C LEU A 90 4.05 -20.27 2.67
N HIS A 91 3.72 -19.06 3.09
CA HIS A 91 4.75 -18.05 3.37
C HIS A 91 4.79 -17.68 4.85
N LEU A 92 3.86 -18.22 5.62
CA LEU A 92 3.86 -17.99 7.07
C LEU A 92 4.80 -18.97 7.77
N GLU A 93 5.99 -18.51 8.12
CA GLU A 93 6.98 -19.37 8.75
C GLU A 93 6.79 -19.48 10.27
N PRO A 94 6.52 -20.69 10.76
CA PRO A 94 6.42 -20.93 12.20
C PRO A 94 7.76 -20.71 12.89
N VAL A 95 7.76 -19.88 13.94
CA VAL A 95 8.97 -19.59 14.70
C VAL A 95 8.65 -19.56 16.20
N ILE A 96 9.55 -20.10 17.01
CA ILE A 96 9.33 -20.17 18.46
C ILE A 96 10.24 -19.22 19.21
N TYR A 97 9.65 -18.47 20.14
CA TYR A 97 10.39 -17.54 20.98
C TYR A 97 10.18 -17.89 22.44
N GLY A 98 11.28 -17.97 23.19
CA GLY A 98 11.23 -18.26 24.61
C GLY A 98 10.80 -17.05 25.41
N PRO A 99 10.33 -17.27 26.64
CA PRO A 99 9.89 -16.18 27.51
C PRO A 99 11.01 -15.18 27.77
N GLY A 100 10.71 -13.89 27.65
CA GLY A 100 11.68 -12.84 27.90
C GLY A 100 12.57 -12.52 26.71
N GLU A 101 12.48 -13.32 25.65
CA GLU A 101 13.33 -13.12 24.49
C GLU A 101 12.86 -11.96 23.62
N TYR A 102 13.83 -11.27 23.03
CA TYR A 102 13.58 -10.13 22.16
C TYR A 102 13.29 -10.58 20.74
N ILE A 103 12.09 -10.27 20.27
CA ILE A 103 11.71 -10.54 18.88
C ILE A 103 12.15 -9.39 17.99
N ILE A 104 11.85 -8.18 18.45
CA ILE A 104 12.19 -6.96 17.75
C ILE A 104 12.79 -5.94 18.70
N ARG A 105 13.81 -5.22 18.24
CA ARG A 105 14.36 -4.10 18.99
C ARG A 105 14.15 -2.80 18.22
N ALA A 106 13.64 -1.79 18.91
CA ALA A 106 13.44 -0.47 18.33
C ALA A 106 14.71 0.04 17.66
N GLY A 107 14.60 0.52 16.42
CA GLY A 107 15.74 1.07 15.72
C GLY A 107 16.35 0.15 14.69
N GLU A 108 16.02 -1.14 14.77
CA GLU A 108 16.53 -2.11 13.80
C GLU A 108 15.90 -1.87 12.44
N LEU A 109 16.51 -2.42 11.39
CA LEU A 109 16.09 -2.15 10.02
C LEU A 109 15.31 -3.29 9.39
N GLY A 110 14.82 -4.22 10.21
CA GLY A 110 14.00 -5.32 9.74
C GLY A 110 12.57 -4.89 9.43
N SER A 111 11.91 -5.66 8.57
CA SER A 111 10.51 -5.37 8.21
C SER A 111 9.65 -6.62 8.20
N ASP A 112 10.17 -7.70 8.79
CA ASP A 112 9.38 -8.91 8.97
C ASP A 112 8.19 -8.67 9.89
N VAL A 113 7.05 -9.27 9.56
CA VAL A 113 5.86 -9.14 10.39
C VAL A 113 5.54 -10.48 11.05
N TYR A 114 5.02 -10.43 12.27
CA TYR A 114 4.79 -11.62 13.08
C TYR A 114 3.33 -11.76 13.49
N PHE A 115 2.80 -12.97 13.37
CA PHE A 115 1.42 -13.24 13.78
C PHE A 115 1.38 -14.21 14.97
N ILE A 116 0.66 -13.83 16.02
CA ILE A 116 0.64 -14.58 17.27
C ILE A 116 -0.42 -15.68 17.29
N ASN A 117 0.04 -16.93 17.19
CA ASN A 117 -0.82 -18.09 17.34
C ASN A 117 -1.09 -18.36 18.81
N ARG A 118 0.00 -18.49 19.56
CA ARG A 118 -0.03 -18.85 20.97
C ARG A 118 0.97 -18.01 21.75
N GLY A 119 0.57 -17.54 22.94
CA GLY A 119 1.48 -16.77 23.78
C GLY A 119 1.12 -15.30 23.85
N SER A 120 1.97 -14.52 24.51
CA SER A 120 1.78 -13.09 24.58
C SER A 120 3.12 -12.36 24.53
N VAL A 121 3.10 -11.13 24.04
CA VAL A 121 4.30 -10.29 23.99
C VAL A 121 4.03 -8.92 24.57
N GLU A 122 5.08 -8.15 24.81
CA GLU A 122 4.92 -6.77 25.25
C GLU A 122 5.62 -5.81 24.28
N VAL A 123 4.92 -4.73 23.95
CA VAL A 123 5.47 -3.69 23.08
C VAL A 123 6.04 -2.56 23.93
N LEU A 124 7.35 -2.34 23.83
CA LEU A 124 8.05 -1.39 24.69
C LEU A 124 8.70 -0.25 23.92
N SER A 125 8.90 0.87 24.60
CA SER A 125 9.69 1.96 24.06
C SER A 125 11.15 1.53 23.93
N ALA A 126 11.97 2.38 23.33
CA ALA A 126 13.38 2.07 23.12
C ALA A 126 14.16 1.92 24.43
N ASP A 127 13.86 2.74 25.42
CA ASP A 127 14.57 2.64 26.70
C ASP A 127 13.92 1.61 27.61
N GLU A 128 12.84 1.01 27.12
CA GLU A 128 12.08 0.00 27.84
C GLU A 128 11.53 0.50 29.19
N LYS A 129 11.33 1.81 29.34
CA LYS A 129 10.67 2.34 30.53
C LYS A 129 9.18 2.46 30.31
N THR A 130 8.73 2.31 29.07
CA THR A 130 7.30 2.40 28.78
C THR A 130 6.75 1.14 28.11
N ARG A 131 5.64 0.64 28.62
CA ARG A 131 4.93 -0.49 28.03
C ARG A 131 3.68 0.01 27.31
N TYR A 132 3.67 -0.09 25.99
CA TYR A 132 2.54 0.44 25.22
C TYR A 132 1.39 -0.54 25.12
N ALA A 133 1.71 -1.84 25.10
CA ALA A 133 0.68 -2.85 24.92
C ALA A 133 1.17 -4.26 25.25
N ILE A 134 0.24 -5.10 25.68
CA ILE A 134 0.43 -6.54 25.66
C ILE A 134 -0.35 -7.09 24.48
N LEU A 135 0.30 -7.89 23.64
CA LEU A 135 -0.37 -8.49 22.49
C LEU A 135 -0.41 -10.01 22.62
N SER A 136 -1.53 -10.62 22.22
CA SER A 136 -1.68 -12.08 22.27
C SER A 136 -2.35 -12.63 21.01
N GLU A 137 -2.94 -13.82 21.13
CA GLU A 137 -3.45 -14.57 19.98
C GLU A 137 -4.46 -13.80 19.13
N GLY A 138 -4.24 -13.82 17.82
CA GLY A 138 -5.09 -13.11 16.89
C GLY A 138 -4.55 -11.74 16.53
N GLN A 139 -3.58 -11.26 17.30
CA GLN A 139 -2.96 -9.96 17.06
C GLN A 139 -1.59 -10.13 16.42
N PHE A 140 -1.11 -9.08 15.78
CA PHE A 140 0.18 -9.14 15.09
C PHE A 140 1.02 -7.89 15.33
N PHE A 141 2.30 -7.98 15.01
CA PHE A 141 3.22 -6.88 15.18
C PHE A 141 4.35 -6.92 14.16
N GLY A 142 5.05 -5.81 14.00
CA GLY A 142 6.15 -5.75 13.06
C GLY A 142 5.74 -5.24 11.70
N GLU A 143 4.55 -4.67 11.62
CA GLU A 143 4.00 -4.19 10.36
C GLU A 143 4.34 -2.73 10.07
N MET A 144 4.69 -1.97 11.11
CA MET A 144 4.87 -0.52 10.96
C MET A 144 6.14 -0.13 10.22
N ALA A 145 7.15 -1.00 10.28
CA ALA A 145 8.44 -0.72 9.63
C ALA A 145 8.29 -0.53 8.11
N LEU A 146 7.51 -1.40 7.47
CA LEU A 146 7.35 -1.33 6.01
C LEU A 146 6.35 -0.24 5.61
N ILE A 147 5.25 -0.18 6.36
CA ILE A 147 4.17 0.76 6.05
C ILE A 147 4.57 2.22 6.28
N LEU A 148 5.31 2.49 7.34
CA LEU A 148 5.79 3.84 7.62
C LEU A 148 7.16 4.03 7.00
N ARG A 149 7.64 2.98 6.33
CA ARG A 149 8.94 2.96 5.67
C ARG A 149 10.00 3.53 6.62
N ALA A 150 10.11 2.88 7.77
CA ALA A 150 10.94 3.38 8.87
C ALA A 150 11.62 2.25 9.62
N PRO A 151 12.61 2.57 10.47
CA PRO A 151 13.14 1.52 11.35
C PRO A 151 12.10 1.07 12.37
N ARG A 152 12.33 -0.06 13.01
CA ARG A 152 11.44 -0.57 14.05
C ARG A 152 11.06 0.54 15.04
N THR A 153 9.76 0.84 15.09
CA THR A 153 9.28 1.93 15.95
C THR A 153 9.28 1.59 17.44
N ALA A 154 9.49 0.32 17.79
CA ALA A 154 9.39 -0.11 19.18
C ALA A 154 10.08 -1.44 19.42
N THR A 155 10.23 -1.80 20.69
CA THR A 155 10.80 -3.08 21.09
C THR A 155 9.69 -4.06 21.50
N VAL A 156 9.78 -5.30 21.01
CA VAL A 156 8.78 -6.32 21.30
C VAL A 156 9.42 -7.54 21.96
N ARG A 157 9.03 -7.81 23.21
CA ARG A 157 9.58 -8.93 23.98
C ARG A 157 8.53 -10.00 24.24
N ALA A 158 8.92 -11.26 24.10
CA ALA A 158 8.01 -12.35 24.45
C ALA A 158 7.83 -12.41 25.96
N ARG A 159 6.58 -12.39 26.41
CA ARG A 159 6.29 -12.49 27.84
C ARG A 159 6.25 -13.96 28.27
N THR A 160 5.93 -14.82 27.31
CA THR A 160 5.86 -16.26 27.53
C THR A 160 6.50 -16.97 26.36
N PHE A 161 6.47 -18.31 26.36
CA PHE A 161 6.74 -19.04 25.13
C PHE A 161 5.74 -18.58 24.08
N CYS A 162 6.21 -18.39 22.86
CA CYS A 162 5.34 -17.88 21.80
C CYS A 162 5.44 -18.71 20.53
N ASP A 163 4.29 -19.07 19.99
CA ASP A 163 4.22 -19.61 18.64
C ASP A 163 3.86 -18.48 17.71
N LEU A 164 4.85 -18.03 16.94
CA LEU A 164 4.65 -16.92 16.04
C LEU A 164 4.77 -17.40 14.60
N TYR A 165 4.08 -16.71 13.70
CA TYR A 165 4.25 -16.95 12.27
C TYR A 165 4.89 -15.73 11.62
N ARG A 166 6.11 -15.91 11.13
CA ARG A 166 6.85 -14.81 10.54
C ARG A 166 6.53 -14.69 9.06
N LEU A 167 6.23 -13.48 8.61
CA LEU A 167 6.02 -13.21 7.20
C LEU A 167 7.08 -12.22 6.72
N ASP A 168 7.91 -12.67 5.77
CA ASP A 168 9.04 -11.87 5.28
C ASP A 168 8.57 -10.60 4.57
N LYS A 169 9.47 -9.61 4.52
CA LYS A 169 9.17 -8.29 3.94
C LYS A 169 8.68 -8.37 2.50
N GLU A 170 9.37 -9.14 1.66
CA GLU A 170 9.01 -9.25 0.25
C GLU A 170 7.59 -9.79 0.07
N THR A 171 7.27 -10.87 0.77
CA THR A 171 5.93 -11.45 0.68
C THR A 171 4.91 -10.50 1.30
N PHE A 172 5.26 -9.92 2.45
CA PHE A 172 4.41 -8.92 3.10
C PHE A 172 4.08 -7.79 2.13
N ASP A 173 5.11 -7.26 1.47
CA ASP A 173 4.93 -6.20 0.47
C ASP A 173 4.08 -6.68 -0.70
N ARG A 174 4.40 -7.87 -1.20
CA ARG A 174 3.67 -8.47 -2.31
C ARG A 174 2.20 -8.64 -1.94
N ILE A 175 1.94 -9.13 -0.73
CA ILE A 175 0.58 -9.32 -0.24
C ILE A 175 -0.17 -8.00 -0.07
N LEU A 176 0.52 -7.00 0.48
CA LEU A 176 -0.08 -5.67 0.69
C LEU A 176 -0.60 -5.07 -0.61
N SER A 177 0.20 -5.16 -1.65
CA SER A 177 -0.12 -4.58 -2.96
C SER A 177 -1.17 -5.39 -3.71
N ARG A 178 -1.30 -6.66 -3.35
CA ARG A 178 -2.20 -7.56 -4.04
C ARG A 178 -3.60 -7.52 -3.42
N TYR A 179 -3.67 -7.09 -2.17
CA TYR A 179 -4.95 -6.93 -1.49
C TYR A 179 -5.10 -5.58 -0.81
N PRO A 180 -5.55 -4.56 -1.56
CA PRO A 180 -5.70 -3.17 -1.09
C PRO A 180 -6.64 -3.01 0.10
N GLU A 181 -7.73 -3.80 0.14
CA GLU A 181 -8.71 -3.69 1.20
C GLU A 181 -8.12 -4.10 2.55
N ILE A 182 -7.33 -5.17 2.54
CA ILE A 182 -6.66 -5.63 3.74
C ILE A 182 -5.52 -4.68 4.07
N ALA A 183 -4.82 -4.22 3.03
CA ALA A 183 -3.75 -3.27 3.18
C ALA A 183 -4.21 -1.98 3.84
N ALA A 184 -5.41 -1.52 3.49
CA ALA A 184 -5.95 -0.29 4.07
C ALA A 184 -6.11 -0.43 5.58
N GLN A 185 -6.53 -1.61 6.02
CA GLN A 185 -6.77 -1.86 7.43
C GLN A 185 -5.47 -1.84 8.23
N ILE A 186 -4.46 -2.55 7.72
CA ILE A 186 -3.15 -2.58 8.35
C ILE A 186 -2.51 -1.19 8.38
N GLN A 187 -2.61 -0.47 7.27
CA GLN A 187 -2.11 0.92 7.19
C GLN A 187 -2.75 1.81 8.26
N GLU A 188 -4.05 1.66 8.46
CA GLU A 188 -4.77 2.49 9.42
C GLU A 188 -4.37 2.16 10.86
N LEU A 189 -4.21 0.88 11.16
CA LEU A 189 -3.74 0.46 12.47
C LEU A 189 -2.35 1.03 12.76
N ALA A 190 -1.49 0.98 11.75
CA ALA A 190 -0.12 1.47 11.89
C ALA A 190 -0.04 2.95 12.21
N VAL A 191 -0.92 3.73 11.60
CA VAL A 191 -0.97 5.17 11.82
C VAL A 191 -1.61 5.43 13.17
N ARG A 192 -2.62 4.63 13.50
CA ARG A 192 -3.29 4.70 14.79
C ARG A 192 -2.29 4.39 15.89
N ARG A 193 -1.45 3.38 15.65
CA ARG A 193 -0.42 3.01 16.61
C ARG A 193 0.70 4.07 16.70
N LYS A 194 0.98 4.77 15.61
CA LYS A 194 2.03 5.80 15.67
C LYS A 194 1.53 7.20 16.07
N GLU A 195 0.24 7.50 15.93
CA GLU A 195 -0.25 8.74 16.56
C GLU A 195 -0.69 8.42 17.99
N GLU A 196 -0.19 7.29 18.46
CA GLU A 196 -0.12 6.95 19.86
C GLU A 196 1.40 6.84 19.96
N LEU A 197 1.96 6.30 21.03
CA LEU A 197 3.41 6.04 21.13
C LEU A 197 4.17 7.32 21.43
N HIS B 7 -0.54 39.53 -25.97
CA HIS B 7 0.15 38.62 -26.89
C HIS B 7 -0.81 37.50 -27.28
N ARG B 8 -0.46 36.26 -26.92
CA ARG B 8 -1.31 35.09 -27.15
C ARG B 8 -1.55 34.68 -28.60
N GLU B 9 -1.11 35.47 -29.58
CA GLU B 9 -1.40 35.11 -30.97
C GLU B 9 -0.26 35.12 -32.01
N ARG B 10 0.86 34.42 -31.75
CA ARG B 10 1.63 33.81 -32.85
C ARG B 10 1.07 32.38 -32.81
N MET B 11 -0.09 32.28 -32.16
CA MET B 11 -0.99 31.15 -32.33
C MET B 11 -1.47 31.27 -33.78
N GLU B 12 -1.15 32.42 -34.39
CA GLU B 12 -1.34 32.65 -35.83
C GLU B 12 -0.56 31.57 -36.54
N ARG B 13 0.49 31.08 -35.88
CA ARG B 13 1.31 30.00 -36.40
C ARG B 13 0.52 28.70 -36.39
N VAL B 14 -0.30 28.54 -35.36
CA VAL B 14 -1.10 27.33 -35.21
C VAL B 14 -2.22 27.31 -36.25
N THR B 15 -2.84 28.46 -36.45
CA THR B 15 -3.90 28.61 -37.44
C THR B 15 -3.35 28.41 -38.85
N ALA B 16 -2.16 28.95 -39.09
CA ALA B 16 -1.51 28.85 -40.39
C ALA B 16 -1.18 27.41 -40.78
N PHE B 17 -0.73 26.62 -39.79
CA PHE B 17 -0.39 25.22 -40.03
C PHE B 17 -1.65 24.41 -40.32
N LEU B 18 -2.75 24.78 -39.65
CA LEU B 18 -4.03 24.13 -39.86
C LEU B 18 -4.56 24.49 -41.25
N SER B 19 -4.11 25.62 -41.78
CA SER B 19 -4.45 26.00 -43.14
C SER B 19 -3.53 25.32 -44.17
N TYR B 20 -2.22 25.35 -43.95
CA TYR B 20 -1.28 24.74 -44.87
C TYR B 20 -1.52 23.23 -44.97
N LYS B 21 -1.80 22.62 -43.82
CA LYS B 21 -2.21 21.24 -43.80
C LYS B 21 -3.72 21.32 -43.91
N LYS B 22 -4.29 20.53 -44.78
CA LYS B 22 -5.73 20.47 -44.93
C LYS B 22 -6.46 19.80 -43.75
N ILE B 23 -6.49 20.47 -42.60
CA ILE B 23 -7.20 19.92 -41.44
C ILE B 23 -8.71 20.15 -41.54
N SER B 24 -9.49 19.09 -41.27
CA SER B 24 -10.95 19.13 -41.36
C SER B 24 -11.58 20.24 -40.53
N PRO B 25 -12.62 20.91 -41.06
CA PRO B 25 -13.32 22.00 -40.38
C PRO B 25 -13.72 21.72 -38.93
N GLU B 26 -14.22 20.52 -38.65
CA GLU B 26 -14.63 20.18 -37.29
C GLU B 26 -13.43 20.09 -36.34
N LEU B 27 -12.33 19.51 -36.82
CA LEU B 27 -11.12 19.42 -36.00
C LEU B 27 -10.54 20.81 -35.75
N GLN B 28 -10.60 21.66 -36.77
CA GLN B 28 -10.12 23.03 -36.62
C GLN B 28 -10.92 23.81 -35.58
N ARG B 29 -12.23 23.63 -35.56
CA ARG B 29 -13.03 24.38 -34.60
C ARG B 29 -12.80 23.86 -33.18
N ARG B 30 -12.66 22.54 -33.02
CA ARG B 30 -12.30 21.98 -31.72
C ARG B 30 -11.06 22.66 -31.17
N ILE B 31 -10.07 22.84 -32.05
CA ILE B 31 -8.80 23.45 -31.70
C ILE B 31 -8.97 24.93 -31.34
N LEU B 32 -9.74 25.65 -32.15
CA LEU B 32 -10.02 27.05 -31.87
C LEU B 32 -10.80 27.20 -30.56
N GLU B 33 -11.74 26.28 -30.34
CA GLU B 33 -12.53 26.28 -29.10
C GLU B 33 -11.63 26.00 -27.89
N TYR B 34 -10.60 25.20 -28.09
CA TYR B 34 -9.66 24.90 -27.02
C TYR B 34 -8.88 26.15 -26.63
N PHE B 35 -8.37 26.88 -27.62
CA PHE B 35 -7.55 28.05 -27.36
C PHE B 35 -8.37 29.22 -26.80
N ASP B 36 -9.63 29.33 -27.19
CA ASP B 36 -10.52 30.33 -26.63
C ASP B 36 -10.79 30.03 -25.16
N TYR B 37 -10.93 28.75 -24.86
CA TYR B 37 -11.13 28.31 -23.48
C TYR B 37 -9.82 28.52 -22.72
N LEU B 38 -8.70 28.28 -23.41
CA LEU B 38 -7.38 28.47 -22.82
C LEU B 38 -7.11 29.92 -22.50
N TRP B 39 -7.46 30.80 -23.44
CA TRP B 39 -7.26 32.23 -23.29
C TRP B 39 -8.16 32.82 -22.20
N GLU B 40 -9.23 32.10 -21.87
CA GLU B 40 -10.18 32.58 -20.86
C GLU B 40 -9.97 31.96 -19.47
N THR B 41 -9.41 30.75 -19.40
CA THR B 41 -9.17 30.12 -18.11
C THR B 41 -7.95 30.76 -17.48
N ARG B 42 -6.84 30.74 -18.22
CA ARG B 42 -5.66 31.48 -17.86
C ARG B 42 -5.53 32.46 -19.01
N ARG B 43 -4.34 32.93 -19.32
CA ARG B 43 -4.20 33.87 -20.41
C ARG B 43 -3.11 33.35 -21.32
N GLY B 44 -2.51 34.22 -22.12
CA GLY B 44 -1.38 33.84 -22.95
C GLY B 44 -0.16 33.85 -22.05
N TYR B 45 -0.38 33.49 -20.78
CA TYR B 45 0.66 33.57 -19.79
C TYR B 45 1.16 32.17 -19.56
N GLU B 46 2.46 31.97 -19.70
CA GLU B 46 2.99 30.65 -19.48
C GLU B 46 3.20 30.56 -17.99
N GLU B 47 2.23 29.98 -17.28
CA GLU B 47 2.37 29.94 -15.83
C GLU B 47 3.36 28.83 -15.51
N ARG B 48 3.48 27.93 -16.48
CA ARG B 48 4.60 27.01 -16.56
C ARG B 48 5.92 27.75 -16.42
N GLU B 49 6.16 28.71 -17.30
CA GLU B 49 7.46 29.34 -17.42
C GLU B 49 7.61 30.64 -16.62
N VAL B 50 6.61 31.05 -15.84
CA VAL B 50 6.77 32.22 -14.95
C VAL B 50 7.14 31.82 -13.51
N LEU B 51 6.68 30.66 -13.07
CA LEU B 51 7.13 30.11 -11.78
C LEU B 51 8.62 29.73 -11.74
N LYS B 52 9.19 29.44 -12.89
CA LYS B 52 10.58 28.99 -12.97
C LYS B 52 11.57 30.01 -12.44
N GLU B 53 11.22 31.29 -12.58
CA GLU B 53 12.05 32.39 -12.08
C GLU B 53 12.35 32.23 -10.59
N LEU B 54 11.31 31.80 -9.87
CA LEU B 54 11.29 31.86 -8.42
C LEU B 54 12.04 30.71 -7.74
N PRO B 55 12.62 30.97 -6.56
CA PRO B 55 13.18 29.93 -5.71
C PRO B 55 12.06 29.08 -5.12
N HIS B 56 12.37 27.85 -4.72
CA HIS B 56 11.36 26.89 -4.27
C HIS B 56 10.32 27.44 -3.27
N PRO B 57 10.75 28.11 -2.18
CA PRO B 57 9.73 28.60 -1.25
C PRO B 57 8.70 29.54 -1.87
N LEU B 58 9.10 30.34 -2.86
CA LEU B 58 8.17 31.29 -3.48
C LEU B 58 7.28 30.66 -4.55
N ARG B 59 7.77 29.64 -5.26
CA ARG B 59 6.91 28.97 -6.23
C ARG B 59 5.89 28.09 -5.51
N LEU B 60 6.33 27.47 -4.42
CA LEU B 60 5.43 26.71 -3.56
C LEU B 60 4.27 27.59 -3.09
N ALA B 61 4.60 28.79 -2.65
CA ALA B 61 3.62 29.76 -2.16
C ALA B 61 2.67 30.21 -3.26
N VAL B 62 3.22 30.54 -4.44
CA VAL B 62 2.40 30.97 -5.57
C VAL B 62 1.46 29.84 -6.01
N ALA B 63 1.99 28.63 -6.09
CA ALA B 63 1.20 27.45 -6.48
C ALA B 63 0.02 27.22 -5.54
N MET B 64 0.24 27.40 -4.24
CA MET B 64 -0.82 27.18 -3.25
C MET B 64 -1.86 28.30 -3.26
N GLU B 65 -1.52 29.43 -3.88
CA GLU B 65 -2.50 30.51 -4.02
C GLU B 65 -3.35 30.32 -5.27
N ILE B 66 -2.69 30.12 -6.41
CA ILE B 66 -3.39 29.99 -7.68
C ILE B 66 -4.15 28.67 -7.77
N HIS B 67 -3.67 27.66 -7.06
CA HIS B 67 -4.30 26.34 -7.10
C HIS B 67 -4.86 25.91 -5.74
N GLY B 68 -5.32 26.88 -4.96
CA GLY B 68 -5.84 26.59 -3.64
C GLY B 68 -7.22 25.92 -3.65
N ASP B 69 -7.99 26.19 -4.69
CA ASP B 69 -9.36 25.67 -4.80
C ASP B 69 -9.44 24.15 -4.83
N VAL B 70 -8.62 23.51 -5.66
CA VAL B 70 -8.76 22.07 -5.89
C VAL B 70 -8.43 21.28 -4.62
N ILE B 71 -7.49 21.79 -3.83
CA ILE B 71 -7.20 21.20 -2.53
C ILE B 71 -8.40 21.35 -1.60
N GLU B 72 -9.02 22.52 -1.64
CA GLU B 72 -10.13 22.79 -0.74
C GLU B 72 -11.36 21.95 -1.10
N LYS B 73 -11.73 21.93 -2.37
CA LYS B 73 -12.97 21.28 -2.80
C LYS B 73 -12.91 19.75 -2.69
N VAL B 74 -11.70 19.18 -2.71
CA VAL B 74 -11.54 17.74 -2.59
C VAL B 74 -11.35 17.37 -1.11
N PRO B 75 -12.36 16.73 -0.52
CA PRO B 75 -12.42 16.42 0.92
C PRO B 75 -11.19 15.70 1.45
N LEU B 76 -10.61 14.83 0.65
CA LEU B 76 -9.43 14.07 1.06
C LEU B 76 -8.21 14.98 1.15
N PHE B 77 -8.19 16.03 0.35
CA PHE B 77 -7.13 17.03 0.34
C PHE B 77 -7.18 18.03 1.50
N LYS B 78 -8.34 18.17 2.14
CA LYS B 78 -8.54 19.22 3.13
C LYS B 78 -8.20 18.85 4.58
N GLY B 79 -8.11 17.56 4.88
CA GLY B 79 -7.83 17.14 6.24
C GLY B 79 -6.44 16.53 6.29
N ALA B 80 -5.78 16.54 5.14
CA ALA B 80 -4.46 15.95 4.98
C ALA B 80 -3.34 16.66 5.74
N GLY B 81 -3.47 17.96 5.95
CA GLY B 81 -2.45 18.71 6.68
C GLY B 81 -1.57 19.49 5.71
N GLU B 82 -0.82 20.47 6.23
CA GLU B 82 -0.03 21.34 5.37
C GLU B 82 1.11 20.63 4.62
N ASP B 83 1.86 19.76 5.31
CA ASP B 83 2.91 18.96 4.67
C ASP B 83 2.42 18.29 3.38
N PHE B 84 1.27 17.63 3.44
CA PHE B 84 0.74 16.88 2.30
C PHE B 84 0.51 17.81 1.11
N ILE B 85 -0.11 18.95 1.37
CA ILE B 85 -0.38 19.94 0.33
C ILE B 85 0.93 20.45 -0.28
N ARG B 86 1.90 20.77 0.56
CA ARG B 86 3.21 21.20 0.09
C ARG B 86 3.90 20.12 -0.73
N ASP B 87 3.70 18.87 -0.33
CA ASP B 87 4.38 17.75 -0.96
C ASP B 87 3.83 17.43 -2.35
N ILE B 88 2.55 17.75 -2.59
CA ILE B 88 1.89 17.36 -3.83
C ILE B 88 1.59 18.54 -4.78
N ILE B 89 1.47 19.74 -4.24
CA ILE B 89 0.99 20.90 -5.01
C ILE B 89 1.76 21.19 -6.31
N LEU B 90 3.08 21.01 -6.30
CA LEU B 90 3.89 21.30 -7.48
C LEU B 90 3.90 20.17 -8.49
N HIS B 91 3.12 19.13 -8.24
CA HIS B 91 3.08 17.98 -9.14
C HIS B 91 1.70 17.83 -9.79
N LEU B 92 0.77 18.69 -9.41
CA LEU B 92 -0.55 18.71 -10.02
C LEU B 92 -0.56 19.51 -11.32
N GLU B 93 -0.54 18.81 -12.45
CA GLU B 93 -0.54 19.46 -13.75
C GLU B 93 -1.96 19.78 -14.22
N PRO B 94 -2.26 21.07 -14.40
CA PRO B 94 -3.56 21.48 -14.94
C PRO B 94 -3.73 21.02 -16.38
N VAL B 95 -4.85 20.36 -16.67
CA VAL B 95 -5.11 19.88 -18.03
C VAL B 95 -6.55 20.16 -18.44
N ILE B 96 -6.73 20.56 -19.70
CA ILE B 96 -8.04 20.91 -20.22
C ILE B 96 -8.55 19.89 -21.22
N TYR B 97 -9.81 19.48 -21.05
CA TYR B 97 -10.45 18.56 -21.97
C TYR B 97 -11.72 19.18 -22.55
N GLY B 98 -11.85 19.14 -23.87
CA GLY B 98 -13.03 19.68 -24.52
C GLY B 98 -14.20 18.75 -24.32
N PRO B 99 -15.42 19.26 -24.47
CA PRO B 99 -16.63 18.44 -24.29
C PRO B 99 -16.65 17.24 -25.23
N GLY B 100 -16.97 16.06 -24.70
CA GLY B 100 -17.04 14.86 -25.49
C GLY B 100 -15.70 14.17 -25.72
N GLU B 101 -14.62 14.81 -25.30
CA GLU B 101 -13.29 14.24 -25.52
C GLU B 101 -13.01 13.10 -24.55
N TYR B 102 -12.26 12.11 -25.02
CA TYR B 102 -11.91 10.95 -24.22
C TYR B 102 -10.70 11.23 -23.33
N ILE B 103 -10.92 11.16 -22.02
CA ILE B 103 -9.84 11.29 -21.05
C ILE B 103 -9.21 9.93 -20.81
N ILE B 104 -10.07 8.93 -20.61
CA ILE B 104 -9.65 7.55 -20.41
C ILE B 104 -10.50 6.59 -21.22
N ARG B 105 -9.87 5.59 -21.83
CA ARG B 105 -10.58 4.51 -22.50
C ARG B 105 -10.33 3.21 -21.76
N ALA B 106 -11.41 2.47 -21.50
CA ALA B 106 -11.32 1.18 -20.86
C ALA B 106 -10.33 0.28 -21.59
N GLY B 107 -9.41 -0.33 -20.84
CA GLY B 107 -8.46 -1.26 -21.41
C GLY B 107 -7.06 -0.68 -21.63
N GLU B 108 -6.95 0.64 -21.59
CA GLU B 108 -5.64 1.29 -21.74
C GLU B 108 -4.75 1.02 -20.53
N LEU B 109 -3.45 1.21 -20.68
CA LEU B 109 -2.50 0.87 -19.63
C LEU B 109 -1.95 2.09 -18.90
N GLY B 110 -2.61 3.23 -19.04
CA GLY B 110 -2.20 4.41 -18.30
C GLY B 110 -2.67 4.29 -16.86
N SER B 111 -1.98 4.96 -15.95
CA SER B 111 -2.36 4.93 -14.55
C SER B 111 -2.30 6.32 -13.91
N ASP B 112 -2.29 7.35 -14.74
CA ASP B 112 -2.42 8.73 -14.28
C ASP B 112 -3.77 8.95 -13.59
N VAL B 113 -3.77 9.73 -12.52
CA VAL B 113 -5.01 10.03 -11.81
C VAL B 113 -5.39 11.51 -11.97
N TYR B 114 -6.70 11.78 -12.06
CA TYR B 114 -7.21 13.11 -12.37
C TYR B 114 -8.14 13.65 -11.30
N PHE B 115 -7.97 14.93 -10.94
CA PHE B 115 -8.85 15.59 -9.98
C PHE B 115 -9.64 16.70 -10.65
N ILE B 116 -10.97 16.67 -10.47
CA ILE B 116 -11.85 17.58 -11.17
C ILE B 116 -11.98 18.91 -10.43
N ASN B 117 -11.37 19.96 -10.98
CA ASN B 117 -11.52 21.29 -10.44
C ASN B 117 -12.93 21.81 -10.78
N ARG B 118 -13.23 21.89 -12.07
CA ARG B 118 -14.56 22.31 -12.53
C ARG B 118 -14.94 21.53 -13.79
N GLY B 119 -16.22 21.21 -13.90
CA GLY B 119 -16.75 20.47 -15.04
C GLY B 119 -17.18 19.11 -14.54
N SER B 120 -17.62 18.24 -15.45
CA SER B 120 -18.04 16.91 -15.05
C SER B 120 -17.68 15.85 -16.08
N VAL B 121 -17.54 14.62 -15.60
CA VAL B 121 -17.26 13.49 -16.47
C VAL B 121 -18.24 12.36 -16.16
N GLU B 122 -18.32 11.39 -17.06
CA GLU B 122 -19.14 10.21 -16.84
C GLU B 122 -18.30 8.94 -16.92
N VAL B 123 -18.59 8.00 -16.02
CA VAL B 123 -17.91 6.71 -16.03
C VAL B 123 -18.73 5.71 -16.83
N LEU B 124 -18.16 5.23 -17.93
CA LEU B 124 -18.88 4.38 -18.85
C LEU B 124 -18.23 3.00 -18.99
N SER B 125 -19.04 2.02 -19.39
CA SER B 125 -18.53 0.71 -19.75
C SER B 125 -17.69 0.79 -21.03
N ALA B 126 -17.05 -0.31 -21.40
CA ALA B 126 -16.20 -0.34 -22.58
C ALA B 126 -17.02 -0.09 -23.84
N ASP B 127 -18.24 -0.63 -23.88
CA ASP B 127 -19.13 -0.42 -25.01
C ASP B 127 -19.96 0.86 -24.83
N GLU B 128 -19.74 1.53 -23.70
CA GLU B 128 -20.41 2.80 -23.36
C GLU B 128 -21.94 2.77 -23.27
N LYS B 129 -22.53 1.60 -23.03
CA LYS B 129 -23.98 1.56 -22.83
C LYS B 129 -24.34 1.65 -21.37
N THR B 130 -23.35 1.52 -20.51
CA THR B 130 -23.61 1.58 -19.09
C THR B 130 -22.85 2.73 -18.48
N ARG B 131 -23.60 3.55 -17.74
CA ARG B 131 -23.02 4.66 -17.00
C ARG B 131 -23.02 4.32 -15.53
N TYR B 132 -21.83 4.18 -14.96
CA TYR B 132 -21.72 3.80 -13.56
C TYR B 132 -21.86 5.02 -12.65
N ALA B 133 -21.43 6.18 -13.15
CA ALA B 133 -21.48 7.41 -12.36
C ALA B 133 -21.23 8.67 -13.17
N ILE B 134 -21.78 9.77 -12.70
CA ILE B 134 -21.34 11.09 -13.13
C ILE B 134 -20.47 11.68 -12.02
N LEU B 135 -19.29 12.17 -12.37
CA LEU B 135 -18.36 12.76 -11.41
C LEU B 135 -18.13 14.23 -11.70
N SER B 136 -18.04 15.03 -10.65
CA SER B 136 -17.82 16.48 -10.83
C SER B 136 -16.78 17.03 -9.85
N GLU B 137 -16.86 18.34 -9.63
CA GLU B 137 -15.87 19.09 -8.88
C GLU B 137 -15.64 18.55 -7.47
N GLY B 138 -14.38 18.34 -7.11
CA GLY B 138 -14.03 17.81 -5.81
C GLY B 138 -13.86 16.30 -5.83
N GLN B 139 -14.30 15.67 -6.91
CA GLN B 139 -14.18 14.23 -7.06
C GLN B 139 -13.05 13.88 -8.03
N PHE B 140 -12.56 12.64 -7.97
CA PHE B 140 -11.44 12.25 -8.80
C PHE B 140 -11.64 10.88 -9.47
N PHE B 141 -10.82 10.62 -10.49
CA PHE B 141 -10.90 9.36 -11.22
C PHE B 141 -9.52 8.97 -11.76
N GLY B 142 -9.36 7.70 -12.12
CA GLY B 142 -8.10 7.22 -12.65
C GLY B 142 -7.17 6.62 -11.61
N GLU B 143 -7.70 6.32 -10.43
CA GLU B 143 -6.90 5.80 -9.33
C GLU B 143 -6.82 4.27 -9.28
N MET B 144 -7.77 3.59 -9.92
CA MET B 144 -7.87 2.13 -9.81
C MET B 144 -6.79 1.37 -10.59
N ALA B 145 -6.28 1.98 -11.64
CA ALA B 145 -5.27 1.35 -12.48
C ALA B 145 -4.03 0.98 -11.66
N LEU B 146 -3.57 1.89 -10.82
CA LEU B 146 -2.36 1.66 -10.03
C LEU B 146 -2.64 0.80 -8.80
N ILE B 147 -3.73 1.11 -8.11
CA ILE B 147 -4.06 0.43 -6.87
C ILE B 147 -4.46 -1.03 -7.10
N LEU B 148 -5.19 -1.27 -8.18
CA LEU B 148 -5.59 -2.63 -8.50
C LEU B 148 -4.58 -3.26 -9.47
N ARG B 149 -3.54 -2.51 -9.79
CA ARG B 149 -2.50 -2.96 -10.73
C ARG B 149 -3.11 -3.58 -11.98
N ALA B 150 -3.93 -2.79 -12.69
CA ALA B 150 -4.68 -3.30 -13.83
C ALA B 150 -4.81 -2.22 -14.91
N PRO B 151 -5.23 -2.62 -16.13
CA PRO B 151 -5.56 -1.59 -17.12
C PRO B 151 -6.81 -0.81 -16.71
N ARG B 152 -7.04 0.33 -17.34
CA ARG B 152 -8.21 1.16 -17.06
C ARG B 152 -9.50 0.32 -16.98
N THR B 153 -10.12 0.31 -15.80
CA THR B 153 -11.32 -0.51 -15.58
C THR B 153 -12.57 0.04 -16.26
N ALA B 154 -12.48 1.26 -16.78
CA ALA B 154 -13.67 1.91 -17.35
C ALA B 154 -13.31 3.08 -18.26
N THR B 155 -14.31 3.58 -18.98
CA THR B 155 -14.13 4.72 -19.86
C THR B 155 -14.64 6.00 -19.18
N VAL B 156 -13.83 7.05 -19.25
CA VAL B 156 -14.20 8.32 -18.66
C VAL B 156 -14.19 9.42 -19.70
N ARG B 157 -15.37 9.97 -20.00
CA ARG B 157 -15.52 11.05 -20.97
C ARG B 157 -16.01 12.35 -20.34
N ALA B 158 -15.39 13.44 -20.77
CA ALA B 158 -15.81 14.78 -20.35
C ALA B 158 -17.16 15.13 -20.95
N ARG B 159 -18.10 15.52 -20.09
CA ARG B 159 -19.42 15.93 -20.54
C ARG B 159 -19.39 17.38 -20.98
N THR B 160 -18.48 18.14 -20.38
CA THR B 160 -18.30 19.55 -20.67
C THR B 160 -16.82 19.86 -20.77
N PHE B 161 -16.50 21.13 -21.00
CA PHE B 161 -15.13 21.58 -20.80
C PHE B 161 -14.76 21.26 -19.36
N CYS B 162 -13.53 20.78 -19.15
CA CYS B 162 -13.10 20.36 -17.83
C CYS B 162 -11.76 20.96 -17.46
N ASP B 163 -11.69 21.51 -16.25
CA ASP B 163 -10.41 21.86 -15.65
C ASP B 163 -9.99 20.75 -14.72
N LEU B 164 -8.98 19.99 -15.14
CA LEU B 164 -8.52 18.85 -14.36
C LEU B 164 -7.12 19.09 -13.85
N TYR B 165 -6.79 18.47 -12.72
CA TYR B 165 -5.43 18.44 -12.24
C TYR B 165 -4.91 17.02 -12.33
N ARG B 166 -3.94 16.80 -13.23
CA ARG B 166 -3.43 15.46 -13.45
C ARG B 166 -2.22 15.16 -12.57
N LEU B 167 -2.25 13.99 -11.94
CA LEU B 167 -1.14 13.54 -11.13
C LEU B 167 -0.56 12.27 -11.76
N ASP B 168 0.70 12.36 -12.18
CA ASP B 168 1.36 11.27 -12.91
C ASP B 168 1.53 10.03 -12.02
N LYS B 169 1.72 8.88 -12.67
CA LYS B 169 1.81 7.58 -12.00
C LYS B 169 2.87 7.55 -10.90
N GLU B 170 4.07 8.04 -11.22
CA GLU B 170 5.20 8.03 -10.29
C GLU B 170 4.93 8.82 -9.00
N THR B 171 4.43 10.04 -9.15
CA THR B 171 4.15 10.90 -8.01
C THR B 171 2.99 10.33 -7.19
N PHE B 172 1.96 9.87 -7.89
CA PHE B 172 0.81 9.22 -7.24
C PHE B 172 1.29 8.08 -6.35
N ASP B 173 2.17 7.25 -6.90
CA ASP B 173 2.74 6.14 -6.14
C ASP B 173 3.56 6.66 -4.95
N ARG B 174 4.42 7.64 -5.20
CA ARG B 174 5.24 8.24 -4.16
C ARG B 174 4.38 8.81 -3.03
N ILE B 175 3.31 9.51 -3.41
CA ILE B 175 2.39 10.09 -2.45
C ILE B 175 1.68 9.00 -1.64
N LEU B 176 1.24 7.95 -2.32
CA LEU B 176 0.59 6.83 -1.65
C LEU B 176 1.48 6.19 -0.57
N SER B 177 2.76 6.02 -0.89
CA SER B 177 3.67 5.34 0.03
C SER B 177 4.04 6.18 1.24
N ARG B 178 3.95 7.50 1.11
CA ARG B 178 4.35 8.38 2.21
C ARG B 178 3.18 8.76 3.10
N TYR B 179 1.96 8.61 2.58
CA TYR B 179 0.77 8.89 3.38
C TYR B 179 -0.18 7.70 3.38
N PRO B 180 0.06 6.74 4.29
CA PRO B 180 -0.72 5.50 4.40
C PRO B 180 -2.19 5.74 4.75
N GLU B 181 -2.46 6.74 5.60
CA GLU B 181 -3.82 7.01 6.04
C GLU B 181 -4.70 7.49 4.89
N ILE B 182 -4.14 8.34 4.03
CA ILE B 182 -4.85 8.84 2.87
C ILE B 182 -4.94 7.75 1.79
N ALA B 183 -3.83 7.02 1.64
CA ALA B 183 -3.77 5.91 0.70
C ALA B 183 -4.82 4.84 0.99
N ALA B 184 -5.07 4.58 2.28
CA ALA B 184 -6.05 3.57 2.67
C ALA B 184 -7.44 3.94 2.17
N GLN B 185 -7.75 5.22 2.23
CA GLN B 185 -9.06 5.72 1.82
C GLN B 185 -9.25 5.59 0.32
N ILE B 186 -8.24 5.97 -0.45
CA ILE B 186 -8.27 5.81 -1.89
C ILE B 186 -8.36 4.34 -2.27
N GLN B 187 -7.59 3.51 -1.58
CA GLN B 187 -7.64 2.06 -1.77
C GLN B 187 -9.04 1.51 -1.53
N GLU B 188 -9.70 2.01 -0.49
CA GLU B 188 -11.03 1.55 -0.13
C GLU B 188 -12.07 2.00 -1.16
N LEU B 189 -11.93 3.23 -1.64
CA LEU B 189 -12.80 3.74 -2.70
C LEU B 189 -12.68 2.90 -3.97
N ALA B 190 -11.44 2.54 -4.33
CA ALA B 190 -11.15 1.78 -5.54
C ALA B 190 -11.81 0.41 -5.51
N VAL B 191 -11.83 -0.21 -4.33
CA VAL B 191 -12.41 -1.53 -4.16
C VAL B 191 -13.94 -1.45 -4.18
N ARG B 192 -14.49 -0.40 -3.56
CA ARG B 192 -15.91 -0.17 -3.58
C ARG B 192 -16.41 0.05 -5.01
N ARG B 193 -15.64 0.81 -5.77
CA ARG B 193 -15.96 1.11 -7.16
C ARG B 193 -15.82 -0.12 -8.07
N LYS B 194 -14.95 -1.05 -7.69
CA LYS B 194 -14.72 -2.22 -8.51
C LYS B 194 -15.73 -3.31 -8.19
N GLU B 195 -16.37 -3.19 -7.03
CA GLU B 195 -17.51 -4.05 -6.69
C GLU B 195 -18.84 -3.46 -7.14
N GLU B 196 -18.78 -2.54 -8.10
CA GLU B 196 -19.98 -2.12 -8.83
C GLU B 196 -19.77 -2.40 -10.32
N LEU B 197 -18.54 -2.23 -10.78
CA LEU B 197 -18.16 -2.63 -12.13
C LEU B 197 -18.15 -4.15 -12.25
#